data_2AFQ
#
_entry.id   2AFQ
#
_cell.length_a   153.340
_cell.length_b   82.310
_cell.length_c   50.930
_cell.angle_alpha   90.00
_cell.angle_beta   90.00
_cell.angle_gamma   90.00
#
_symmetry.space_group_name_H-M   'P 21 21 2'
#
loop_
_entity.id
_entity.type
_entity.pdbx_description
1 polymer Prothrombin
2 polymer Prothrombin
3 non-polymer GLYCEROL
4 water water
#
loop_
_entity_poly.entity_id
_entity_poly.type
_entity_poly.pdbx_seq_one_letter_code
_entity_poly.pdbx_strand_id
1 'polypeptide(L)' GEADCGLRPLFEKKSLEDKTERELLESYI A,C
2 'polypeptide(L)'
;IVEGSDAEIGMSPWQVMLFRKSPQELLCGASLISDRWVLTAAHCLLYPPWDKNFTENDLLVRIGKHSRTRYERNIEKISM
LEKIYIHPRYNWRENLDRDIALMKLKKPVAFSDYIHPVCLPDRETAASLLQAGYKGRVTGWGNLKETWTANVGKGQPSVL
QVVNLPIVERPVCKDSTRIRITDNMFCAGYKPDEGKRGDACEGDSGGPFVMKSPFNNRWYQMGIVSWGEGCDRDGKYGFY
THVFRLKKWIQKVIDQFGE
;
B,D
#
loop_
_chem_comp.id
_chem_comp.type
_chem_comp.name
_chem_comp.formula
GOL non-polymer GLYCEROL 'C3 H8 O3'
#
# COMPACT_ATOMS: atom_id res chain seq x y z
N GLY A 1 27.17 23.29 1.24
CA GLY A 1 28.43 22.92 1.96
C GLY A 1 28.96 21.57 1.51
N GLU A 2 29.63 21.56 0.37
CA GLU A 2 30.20 20.35 -0.20
C GLU A 2 31.46 19.89 0.52
N ALA A 3 32.43 20.77 0.65
CA ALA A 3 33.70 20.46 1.31
C ALA A 3 33.48 19.90 2.71
N ASP A 4 32.34 20.22 3.29
N ASP A 4 32.34 20.20 3.32
CA ASP A 4 32.01 19.79 4.64
CA ASP A 4 32.07 19.69 4.66
C ASP A 4 30.80 18.84 4.68
C ASP A 4 30.85 18.75 4.68
N CYS A 5 30.30 18.48 3.51
CA CYS A 5 29.13 17.58 3.42
C CYS A 5 29.39 16.24 4.10
N GLY A 6 28.32 15.65 4.63
CA GLY A 6 28.43 14.34 5.25
C GLY A 6 29.11 14.23 6.60
N LEU A 7 29.57 15.34 7.15
CA LEU A 7 30.23 15.34 8.46
C LEU A 7 29.30 16.03 9.46
N ARG A 8 28.67 15.22 10.32
CA ARG A 8 27.72 15.73 11.29
C ARG A 8 28.36 16.55 12.42
N PRO A 9 27.85 17.77 12.65
CA PRO A 9 28.36 18.65 13.70
C PRO A 9 28.41 17.99 15.08
N LEU A 10 27.38 17.21 15.40
CA LEU A 10 27.31 16.56 16.71
C LEU A 10 27.93 15.17 16.79
N PHE A 11 28.46 14.68 15.68
CA PHE A 11 29.10 13.37 15.69
C PHE A 11 30.50 13.40 15.09
N GLU A 12 30.62 13.19 13.78
CA GLU A 12 31.95 13.21 13.16
C GLU A 12 32.80 14.40 13.60
N LYS A 13 32.23 15.60 13.57
CA LYS A 13 32.99 16.80 13.95
C LYS A 13 33.41 16.86 15.40
N LYS A 14 33.02 15.88 16.20
CA LYS A 14 33.41 15.84 17.61
C LYS A 14 33.91 14.45 17.98
N SER A 15 34.24 13.66 16.96
CA SER A 15 34.75 12.31 17.14
C SER A 15 33.83 11.42 17.98
N LEU A 16 32.53 11.55 17.77
CA LEU A 16 31.54 10.75 18.48
C LEU A 16 30.73 9.94 17.48
N GLU A 17 30.37 8.71 17.83
CA GLU A 17 29.59 7.86 16.94
C GLU A 17 28.17 7.70 17.49
N ASP A 18 27.21 7.43 16.62
CA ASP A 18 25.85 7.22 17.07
C ASP A 18 25.71 5.76 17.48
N LYS A 19 24.58 5.41 18.08
CA LYS A 19 24.34 4.05 18.58
C LYS A 19 24.38 2.88 17.61
N THR A 20 24.17 3.11 16.31
CA THR A 20 24.16 1.98 15.39
C THR A 20 25.02 2.07 14.14
N GLU A 21 25.83 3.11 14.00
CA GLU A 21 26.64 3.21 12.79
C GLU A 21 27.67 2.09 12.68
N ARG A 22 28.03 1.48 13.81
CA ARG A 22 28.99 0.39 13.81
C ARG A 22 28.42 -0.82 13.09
N GLU A 23 27.09 -0.94 13.09
CA GLU A 23 26.41 -2.04 12.43
C GLU A 23 26.64 -1.93 10.91
N LEU A 24 26.72 -0.71 10.41
CA LEU A 24 26.94 -0.49 8.99
C LEU A 24 28.36 -0.87 8.59
N LEU A 25 29.33 -0.41 9.38
CA LEU A 25 30.74 -0.69 9.10
C LEU A 25 31.04 -2.19 9.07
N GLU A 26 30.46 -2.93 10.01
CA GLU A 26 30.70 -4.36 10.09
C GLU A 26 30.15 -5.13 8.89
N SER A 27 29.16 -4.55 8.22
CA SER A 27 28.55 -5.20 7.06
C SER A 27 29.40 -5.09 5.79
N TYR A 28 30.43 -4.26 5.82
CA TYR A 28 31.29 -4.10 4.64
C TYR A 28 32.32 -5.21 4.52
N ILE A 29 31.89 -6.43 4.31
CA ILE A 29 32.81 -7.56 4.19
C ILE A 29 32.62 -8.35 2.91
N ILE B 1 8.31 4.38 8.67
CA ILE B 1 9.22 3.37 9.30
C ILE B 1 8.45 2.47 10.29
N VAL B 2 8.84 1.20 10.35
CA VAL B 2 8.22 0.25 11.28
C VAL B 2 9.34 -0.58 11.92
N GLU B 3 9.18 -0.91 13.19
CA GLU B 3 10.16 -1.70 13.92
C GLU B 3 11.52 -1.01 13.94
N GLY B 4 11.51 0.32 13.96
CA GLY B 4 12.76 1.06 13.98
C GLY B 4 13.09 1.51 15.38
N SER B 5 14.05 2.42 15.50
CA SER B 5 14.44 2.93 16.81
C SER B 5 14.52 4.46 16.78
N ASP B 6 14.44 5.07 17.96
CA ASP B 6 14.50 6.51 18.08
C ASP B 6 15.85 7.04 17.62
N ALA B 7 15.83 8.05 16.77
CA ALA B 7 17.07 8.64 16.28
C ALA B 7 17.60 9.55 17.38
N GLU B 8 18.92 9.68 17.45
CA GLU B 8 19.55 10.55 18.44
C GLU B 8 19.49 11.96 17.88
N ILE B 9 19.56 12.96 18.75
CA ILE B 9 19.50 14.35 18.30
C ILE B 9 20.67 14.67 17.36
N GLY B 10 20.35 15.29 16.23
CA GLY B 10 21.36 15.66 15.26
C GLY B 10 21.98 14.50 14.51
N MET B 11 21.34 13.34 14.57
CA MET B 11 21.84 12.13 13.91
C MET B 11 21.64 12.13 12.39
N SER B 12 20.63 12.87 11.92
N SER B 12 20.61 12.86 11.94
CA SER B 12 20.33 12.96 10.48
CA SER B 12 20.28 12.97 10.52
C SER B 12 20.01 14.41 10.15
C SER B 12 19.99 14.44 10.21
N PRO B 13 21.02 15.29 10.26
CA PRO B 13 20.89 16.73 10.00
C PRO B 13 20.48 17.12 8.58
N TRP B 14 20.56 16.17 7.65
CA TRP B 14 20.18 16.44 6.26
C TRP B 14 18.72 16.08 6.00
N GLN B 15 18.02 15.64 7.04
CA GLN B 15 16.62 15.25 6.91
C GLN B 15 15.73 16.46 6.60
N VAL B 16 14.87 16.33 5.59
CA VAL B 16 13.94 17.40 5.22
C VAL B 16 12.52 16.82 5.12
N MET B 17 11.52 17.60 5.55
CA MET B 17 10.13 17.17 5.50
C MET B 17 9.40 18.01 4.44
N LEU B 18 8.77 17.34 3.47
CA LEU B 18 8.04 18.06 2.41
C LEU B 18 6.57 18.12 2.78
N PHE B 19 6.05 19.34 2.86
CA PHE B 19 4.65 19.58 3.22
C PHE B 19 3.83 20.32 2.17
N ARG B 20 2.54 20.03 2.14
N ARG B 20 2.54 20.03 2.12
CA ARG B 20 1.63 20.73 1.24
CA ARG B 20 1.65 20.74 1.22
C ARG B 20 1.12 21.85 2.14
C ARG B 20 1.12 21.86 2.13
N LYS B 21 1.05 23.08 1.63
CA LYS B 21 0.57 24.20 2.43
C LYS B 21 -0.85 24.03 2.95
N SER B 22 -1.79 23.82 2.03
CA SER B 22 -3.18 23.68 2.40
C SER B 22 -3.93 22.65 1.56
N PRO B 23 -4.51 21.64 2.21
CA PRO B 23 -4.47 21.48 3.67
C PRO B 23 -3.08 21.02 4.13
N GLN B 24 -2.61 21.56 5.26
CA GLN B 24 -1.30 21.22 5.79
C GLN B 24 -1.17 19.70 5.89
N GLU B 25 -0.20 19.13 5.17
CA GLU B 25 -0.04 17.69 5.18
C GLU B 25 1.38 17.26 4.83
N LEU B 26 1.93 16.33 5.61
CA LEU B 26 3.27 15.83 5.35
C LEU B 26 3.15 14.91 4.14
N LEU B 27 3.79 15.30 3.03
CA LEU B 27 3.73 14.53 1.80
C LEU B 27 4.81 13.46 1.65
N CYS B 28 6.05 13.82 1.95
CA CYS B 28 7.17 12.90 1.78
C CYS B 28 8.40 13.35 2.54
N GLY B 29 9.44 12.51 2.48
CA GLY B 29 10.70 12.84 3.09
C GLY B 29 11.52 13.47 1.99
N ALA B 30 12.69 14.01 2.32
CA ALA B 30 13.55 14.64 1.33
C ALA B 30 14.91 14.85 1.98
N SER B 31 15.90 15.36 1.23
CA SER B 31 17.21 15.54 1.82
C SER B 31 17.93 16.83 1.39
N LEU B 32 18.74 17.37 2.29
N LEU B 32 18.73 17.37 2.28
CA LEU B 32 19.47 18.61 2.03
CA LEU B 32 19.48 18.61 2.03
C LEU B 32 20.86 18.29 1.45
C LEU B 32 20.86 18.29 1.44
N ILE B 33 21.13 18.79 0.24
CA ILE B 33 22.42 18.54 -0.39
C ILE B 33 23.28 19.81 -0.55
N SER B 34 22.71 20.95 -0.15
CA SER B 34 23.43 22.23 -0.18
C SER B 34 22.52 23.26 0.50
N ASP B 35 23.00 24.49 0.66
CA ASP B 35 22.20 25.51 1.32
C ASP B 35 20.98 25.97 0.53
N ARG B 36 20.88 25.56 -0.74
CA ARG B 36 19.74 25.96 -1.58
C ARG B 36 19.07 24.80 -2.30
N TRP B 37 19.63 23.60 -2.20
CA TRP B 37 19.05 22.46 -2.91
C TRP B 37 18.58 21.28 -2.06
N VAL B 38 17.41 20.75 -2.41
CA VAL B 38 16.81 19.62 -1.72
C VAL B 38 16.45 18.53 -2.72
N LEU B 39 16.72 17.28 -2.36
CA LEU B 39 16.46 16.12 -3.22
C LEU B 39 15.27 15.31 -2.70
N THR B 40 14.41 14.84 -3.61
CA THR B 40 13.25 14.04 -3.20
C THR B 40 12.83 13.13 -4.36
N ALA B 41 11.71 12.43 -4.21
CA ALA B 41 11.23 11.54 -5.27
C ALA B 41 10.22 12.30 -6.14
N ALA B 42 10.29 12.08 -7.45
CA ALA B 42 9.39 12.76 -8.37
C ALA B 42 7.92 12.46 -8.10
N HIS B 43 7.61 11.21 -7.73
CA HIS B 43 6.20 10.85 -7.49
C HIS B 43 5.55 11.59 -6.33
N CYS B 44 6.36 12.29 -5.53
CA CYS B 44 5.84 13.07 -4.41
C CYS B 44 5.25 14.38 -4.93
N LEU B 45 5.71 14.79 -6.11
CA LEU B 45 5.30 16.05 -6.73
C LEU B 45 4.44 15.88 -7.98
N LEU B 46 4.62 14.75 -8.66
CA LEU B 46 3.89 14.50 -9.89
C LEU B 46 3.38 13.07 -10.05
N TYR B 47 2.08 12.90 -9.90
CA TYR B 47 1.43 11.60 -10.07
C TYR B 47 -0.03 11.91 -10.38
N PRO B 48 -0.33 12.20 -11.65
CA PRO B 48 -1.66 12.54 -12.19
C PRO B 48 -2.85 11.71 -11.73
N PRO B 49 -2.78 10.37 -11.89
CA PRO B 49 -3.91 9.52 -11.47
C PRO B 49 -4.52 9.94 -10.14
N TRP B 50 -3.67 10.33 -9.19
CA TRP B 50 -4.13 10.77 -7.88
C TRP B 50 -4.12 12.29 -7.74
N ASP B 51 -4.22 12.98 -8.87
CA ASP B 51 -4.24 14.45 -8.89
C ASP B 51 -3.10 15.11 -8.13
N LYS B 52 -1.96 14.41 -8.06
CA LYS B 52 -0.81 14.96 -7.37
C LYS B 52 -0.05 15.76 -8.42
N ASN B 53 -0.35 17.05 -8.46
N ASN B 53 -0.28 17.07 -8.50
CA ASN B 53 0.22 17.98 -9.42
CA ASN B 53 0.43 17.90 -9.47
C ASN B 53 0.47 19.32 -8.75
C ASN B 53 0.60 19.31 -8.93
N PHE B 54 1.64 19.47 -8.12
CA PHE B 54 1.96 20.70 -7.45
C PHE B 54 2.96 21.60 -8.17
N THR B 55 2.86 22.90 -7.91
CA THR B 55 3.79 23.89 -8.46
C THR B 55 4.55 24.34 -7.22
N GLU B 56 5.60 25.13 -7.41
CA GLU B 56 6.41 25.56 -6.28
C GLU B 56 5.68 26.30 -5.15
N ASN B 57 4.61 27.01 -5.48
N ASN B 57 4.61 27.02 -5.48
CA ASN B 57 3.87 27.77 -4.49
CA ASN B 57 3.89 27.77 -4.45
C ASN B 57 2.88 26.95 -3.65
C ASN B 57 2.92 26.93 -3.60
N ASP B 58 2.69 25.68 -3.99
CA ASP B 58 1.79 24.80 -3.25
C ASP B 58 2.50 24.14 -2.06
N LEU B 59 3.83 24.26 -2.01
CA LEU B 59 4.61 23.56 -0.98
C LEU B 59 5.55 24.39 -0.12
N LEU B 60 6.14 23.71 0.87
CA LEU B 60 7.14 24.27 1.77
C LEU B 60 7.88 23.10 2.43
N VAL B 61 9.07 23.36 2.96
CA VAL B 61 9.81 22.30 3.64
C VAL B 61 10.21 22.75 5.04
N ARG B 62 10.39 21.79 5.93
CA ARG B 62 10.83 22.07 7.29
C ARG B 62 12.11 21.27 7.46
N ILE B 63 13.13 21.94 8.00
CA ILE B 63 14.42 21.30 8.19
C ILE B 63 14.87 21.41 9.64
N GLY B 64 15.54 20.39 10.14
CA GLY B 64 16.02 20.39 11.52
C GLY B 64 15.02 19.90 12.55
N LYS B 65 13.89 19.34 12.12
CA LYS B 65 12.90 18.84 13.05
C LYS B 65 13.18 17.42 13.55
N HIS B 66 13.09 17.25 14.87
CA HIS B 66 13.32 15.95 15.50
C HIS B 66 11.98 15.36 15.90
N SER B 67 11.07 16.22 16.36
CA SER B 67 9.74 15.79 16.79
C SER B 67 8.67 16.20 15.78
N ARG B 68 7.74 15.29 15.52
CA ARG B 68 6.66 15.55 14.58
C ARG B 68 5.44 16.18 15.24
N THR B 69 5.49 16.33 16.57
CA THR B 69 4.38 16.92 17.30
C THR B 69 4.74 18.19 18.06
N ARG B 70 6.02 18.36 18.38
CA ARG B 70 6.47 19.53 19.12
C ARG B 70 7.15 20.56 18.22
N TYR B 71 6.81 21.82 18.43
CA TYR B 71 7.39 22.93 17.66
C TYR B 71 8.70 23.35 18.32
N GLU B 72 9.81 23.10 17.64
CA GLU B 72 11.12 23.44 18.17
C GLU B 72 11.59 24.81 17.69
N ARG B 73 11.16 25.85 18.40
CA ARG B 73 11.54 27.21 18.06
C ARG B 73 13.05 27.38 18.13
N ASN B 74 13.60 28.19 17.23
CA ASN B 74 15.03 28.46 17.16
C ASN B 74 15.84 27.29 16.60
N ILE B 75 15.21 26.14 16.41
CA ILE B 75 15.90 24.98 15.86
C ILE B 75 15.41 24.64 14.46
N GLU B 76 14.12 24.31 14.33
CA GLU B 76 13.57 23.97 13.01
C GLU B 76 13.41 25.23 12.18
N LYS B 77 13.58 25.07 10.88
CA LYS B 77 13.46 26.19 9.96
C LYS B 77 12.49 25.84 8.84
N ILE B 78 11.79 26.86 8.34
CA ILE B 78 10.85 26.69 7.25
C ILE B 78 11.41 27.37 6.01
N SER B 79 11.32 26.70 4.86
CA SER B 79 11.82 27.28 3.62
C SER B 79 10.77 27.14 2.53
N MET B 80 10.62 28.20 1.74
CA MET B 80 9.68 28.21 0.62
C MET B 80 10.48 27.76 -0.61
N LEU B 81 9.77 27.30 -1.64
CA LEU B 81 10.44 26.84 -2.85
C LEU B 81 10.43 27.87 -3.97
N GLU B 82 11.55 27.98 -4.67
CA GLU B 82 11.67 28.90 -5.78
C GLU B 82 11.32 28.20 -7.09
N LYS B 83 11.72 26.94 -7.21
CA LYS B 83 11.47 26.19 -8.42
C LYS B 83 11.62 24.68 -8.18
N ILE B 84 10.88 23.89 -8.96
CA ILE B 84 10.91 22.44 -8.89
C ILE B 84 11.47 21.91 -10.20
N TYR B 85 12.21 20.81 -10.16
CA TYR B 85 12.79 20.21 -11.36
C TYR B 85 12.55 18.70 -11.36
N ILE B 86 11.80 18.21 -12.34
CA ILE B 86 11.50 16.78 -12.44
C ILE B 86 12.27 16.15 -13.59
N HIS B 87 12.92 15.01 -13.33
CA HIS B 87 13.69 14.35 -14.38
C HIS B 87 12.83 14.19 -15.63
N PRO B 88 13.31 14.67 -16.79
CA PRO B 88 12.56 14.57 -18.04
C PRO B 88 12.15 13.17 -18.49
N ARG B 89 12.80 12.14 -17.95
N ARG B 89 12.81 12.14 -17.95
CA ARG B 89 12.46 10.78 -18.33
CA ARG B 89 12.50 10.76 -18.31
C ARG B 89 11.78 10.00 -17.19
C ARG B 89 11.81 10.00 -17.17
N TYR B 90 11.30 10.73 -16.19
CA TYR B 90 10.62 10.12 -15.06
C TYR B 90 9.38 9.41 -15.60
N ASN B 91 9.23 8.12 -15.29
CA ASN B 91 8.11 7.33 -15.77
C ASN B 91 7.18 6.88 -14.64
N TRP B 92 5.99 7.46 -14.57
CA TRP B 92 5.05 7.09 -13.52
C TRP B 92 3.98 6.10 -13.97
N ARG B 93 3.70 6.08 -15.27
CA ARG B 93 2.68 5.19 -15.81
C ARG B 93 3.12 3.72 -15.80
N GLU B 94 4.43 3.46 -15.74
CA GLU B 94 4.92 2.09 -15.75
C GLU B 94 5.63 1.54 -14.51
N ASN B 95 6.80 2.09 -14.17
CA ASN B 95 7.55 1.56 -13.03
C ASN B 95 8.29 2.55 -12.13
N LEU B 96 8.02 3.84 -12.28
CA LEU B 96 8.71 4.85 -11.48
C LEU B 96 10.22 4.90 -11.80
N ASP B 97 10.58 4.61 -13.04
CA ASP B 97 11.98 4.68 -13.45
C ASP B 97 12.40 6.16 -13.36
N ARG B 98 13.60 6.41 -12.85
CA ARG B 98 14.09 7.78 -12.69
C ARG B 98 13.16 8.63 -11.83
N ASP B 99 12.74 8.05 -10.70
CA ASP B 99 11.85 8.69 -9.74
C ASP B 99 12.72 9.65 -8.92
N ILE B 100 12.97 10.84 -9.45
CA ILE B 100 13.82 11.80 -8.77
C ILE B 100 13.45 13.23 -9.15
N ALA B 101 13.60 14.15 -8.20
CA ALA B 101 13.30 15.56 -8.44
C ALA B 101 14.16 16.43 -7.52
N LEU B 102 14.40 17.65 -7.96
CA LEU B 102 15.18 18.62 -7.19
C LEU B 102 14.26 19.80 -6.89
N MET B 103 14.50 20.44 -5.75
CA MET B 103 13.72 21.61 -5.37
C MET B 103 14.70 22.67 -4.90
N LYS B 104 14.60 23.87 -5.48
CA LYS B 104 15.46 24.98 -5.11
C LYS B 104 14.73 25.89 -4.14
N LEU B 105 15.35 26.17 -2.99
CA LEU B 105 14.74 27.03 -1.97
C LEU B 105 14.79 28.50 -2.37
N LYS B 106 13.85 29.29 -1.87
CA LYS B 106 13.83 30.73 -2.19
C LYS B 106 15.03 31.47 -1.60
N LYS B 107 15.46 31.04 -0.42
CA LYS B 107 16.60 31.64 0.26
C LYS B 107 17.45 30.54 0.86
N PRO B 108 18.77 30.76 0.98
CA PRO B 108 19.64 29.75 1.55
C PRO B 108 19.31 29.48 3.01
N VAL B 109 19.41 28.22 3.43
CA VAL B 109 19.14 27.87 4.81
C VAL B 109 20.46 27.92 5.59
N ALA B 110 20.38 28.36 6.84
CA ALA B 110 21.58 28.46 7.67
C ALA B 110 21.91 27.12 8.30
N PHE B 111 23.14 26.65 8.13
CA PHE B 111 23.55 25.38 8.72
C PHE B 111 23.74 25.56 10.23
N SER B 112 23.60 24.46 10.98
CA SER B 112 23.76 24.49 12.43
C SER B 112 24.06 23.07 12.90
N ASP B 113 23.97 22.82 14.21
CA ASP B 113 24.24 21.47 14.70
C ASP B 113 23.15 20.51 14.25
N TYR B 114 22.00 21.07 13.87
CA TYR B 114 20.83 20.28 13.46
C TYR B 114 20.51 20.32 11.97
N ILE B 115 21.22 21.16 11.23
CA ILE B 115 20.99 21.32 9.79
C ILE B 115 22.33 21.30 9.06
N HIS B 116 22.58 20.24 8.31
CA HIS B 116 23.84 20.08 7.58
C HIS B 116 23.61 19.18 6.36
N PRO B 117 24.21 19.52 5.20
CA PRO B 117 24.04 18.72 3.98
C PRO B 117 24.73 17.35 3.96
N VAL B 118 24.15 16.44 3.18
CA VAL B 118 24.71 15.09 3.01
C VAL B 118 25.48 15.11 1.69
N CYS B 119 26.42 14.19 1.50
CA CYS B 119 27.19 14.15 0.25
C CYS B 119 26.54 13.26 -0.81
N LEU B 120 26.84 13.54 -2.08
CA LEU B 120 26.38 12.74 -3.19
C LEU B 120 27.61 11.90 -3.57
N PRO B 121 27.42 10.60 -3.83
CA PRO B 121 28.52 9.69 -4.20
C PRO B 121 29.24 9.95 -5.52
N ASP B 122 30.49 9.53 -5.56
CA ASP B 122 31.31 9.64 -6.77
C ASP B 122 31.46 8.18 -7.21
N ARG B 123 32.16 7.94 -8.33
CA ARG B 123 32.33 6.58 -8.82
C ARG B 123 32.96 5.63 -7.81
N GLU B 124 34.05 6.04 -7.17
CA GLU B 124 34.70 5.17 -6.19
C GLU B 124 33.74 4.71 -5.09
N THR B 125 33.05 5.68 -4.50
CA THR B 125 32.09 5.40 -3.42
C THR B 125 31.00 4.43 -3.85
N ALA B 126 30.36 4.71 -4.99
CA ALA B 126 29.28 3.86 -5.48
C ALA B 126 29.77 2.45 -5.77
N ALA B 127 30.93 2.34 -6.40
CA ALA B 127 31.48 1.03 -6.75
C ALA B 127 31.86 0.19 -5.52
N SER B 128 32.41 0.85 -4.51
N SER B 128 32.41 0.85 -4.51
CA SER B 128 32.83 0.15 -3.30
CA SER B 128 32.83 0.15 -3.30
C SER B 128 31.69 -0.18 -2.33
C SER B 128 31.70 -0.18 -2.32
N LEU B 129 30.75 0.74 -2.16
CA LEU B 129 29.65 0.52 -1.23
C LEU B 129 28.33 -0.10 -1.71
N LEU B 130 27.98 0.08 -2.98
CA LEU B 130 26.71 -0.49 -3.45
C LEU B 130 26.86 -1.96 -3.82
N GLN B 131 26.88 -2.81 -2.81
CA GLN B 131 27.02 -4.25 -2.99
C GLN B 131 26.03 -4.98 -2.10
N ALA B 132 25.59 -6.17 -2.53
CA ALA B 132 24.65 -6.96 -1.75
C ALA B 132 25.24 -7.30 -0.39
N GLY B 133 24.42 -7.20 0.65
CA GLY B 133 24.89 -7.49 1.99
C GLY B 133 25.31 -6.24 2.76
N TYR B 134 25.82 -5.24 2.06
CA TYR B 134 26.24 -3.98 2.69
C TYR B 134 24.98 -3.24 3.16
N LYS B 135 25.04 -2.71 4.38
CA LYS B 135 23.89 -2.01 4.95
C LYS B 135 23.88 -0.50 4.81
N GLY B 136 22.68 0.03 4.57
CA GLY B 136 22.47 1.46 4.46
C GLY B 136 21.48 1.88 5.53
N ARG B 137 21.23 3.17 5.68
CA ARG B 137 20.30 3.66 6.70
C ARG B 137 19.19 4.54 6.14
N VAL B 138 17.95 4.30 6.61
CA VAL B 138 16.78 5.07 6.18
C VAL B 138 16.16 5.73 7.41
N THR B 139 15.72 6.98 7.25
CA THR B 139 15.11 7.73 8.32
C THR B 139 13.71 8.24 7.94
N GLY B 140 12.80 8.20 8.90
CA GLY B 140 11.44 8.65 8.65
C GLY B 140 10.64 8.62 9.94
N TRP B 141 9.32 8.71 9.83
CA TRP B 141 8.47 8.70 11.00
C TRP B 141 7.75 7.38 11.19
N GLY B 142 7.60 6.94 12.44
CA GLY B 142 6.94 5.69 12.73
C GLY B 142 5.50 5.65 12.22
N ASN B 143 5.10 4.50 11.69
CA ASN B 143 3.74 4.31 11.19
C ASN B 143 3.63 3.00 10.42
N SER B 158 6.34 11.70 19.38
CA SER B 158 6.84 10.84 18.31
C SER B 158 8.05 11.49 17.63
N VAL B 159 9.19 10.82 17.71
CA VAL B 159 10.43 11.35 17.11
C VAL B 159 10.86 10.60 15.86
N LEU B 160 11.76 11.23 15.10
CA LEU B 160 12.29 10.65 13.88
C LEU B 160 12.77 9.22 14.17
N GLN B 161 12.42 8.28 13.31
CA GLN B 161 12.80 6.87 13.45
C GLN B 161 13.93 6.50 12.49
N VAL B 162 14.66 5.46 12.83
CA VAL B 162 15.78 5.00 11.98
C VAL B 162 15.86 3.49 11.89
N VAL B 163 16.30 3.01 10.73
CA VAL B 163 16.49 1.58 10.48
C VAL B 163 17.70 1.38 9.58
N ASN B 164 18.45 0.33 9.83
CA ASN B 164 19.62 0.00 9.00
C ASN B 164 19.20 -1.22 8.21
N LEU B 165 19.39 -1.17 6.89
CA LEU B 165 18.96 -2.25 6.01
C LEU B 165 20.03 -2.71 5.02
N PRO B 166 20.09 -4.01 4.73
CA PRO B 166 21.07 -4.58 3.80
C PRO B 166 20.61 -4.52 2.34
N ILE B 167 21.52 -4.18 1.45
CA ILE B 167 21.21 -4.13 0.03
C ILE B 167 21.00 -5.57 -0.44
N VAL B 168 20.03 -5.78 -1.33
CA VAL B 168 19.71 -7.13 -1.83
C VAL B 168 20.24 -7.39 -3.25
N GLU B 169 20.65 -8.63 -3.51
CA GLU B 169 21.15 -9.03 -4.83
C GLU B 169 20.11 -8.63 -5.88
N ARG B 170 20.57 -8.13 -7.02
N ARG B 170 20.56 -8.13 -7.02
CA ARG B 170 19.66 -7.70 -8.07
CA ARG B 170 19.65 -7.70 -8.07
C ARG B 170 18.72 -8.78 -8.60
C ARG B 170 18.72 -8.79 -8.59
N PRO B 171 19.22 -10.02 -8.78
CA PRO B 171 18.34 -11.09 -9.28
C PRO B 171 17.20 -11.38 -8.30
N VAL B 172 17.51 -11.26 -7.01
CA VAL B 172 16.52 -11.50 -5.96
C VAL B 172 15.52 -10.35 -5.94
N CYS B 173 16.00 -9.12 -6.10
N CYS B 173 16.00 -9.13 -6.12
CA CYS B 173 15.11 -7.96 -6.12
CA CYS B 173 15.12 -8.00 -6.14
C CYS B 173 14.10 -8.09 -7.26
C CYS B 173 14.09 -8.15 -7.25
N LYS B 174 14.57 -8.49 -8.44
CA LYS B 174 13.70 -8.66 -9.60
C LYS B 174 12.62 -9.72 -9.40
N ASP B 175 12.95 -10.80 -8.71
CA ASP B 175 11.98 -11.87 -8.47
C ASP B 175 10.99 -11.57 -7.34
N SER B 176 11.27 -10.53 -6.54
N SER B 176 11.27 -10.54 -6.54
CA SER B 176 10.40 -10.20 -5.41
CA SER B 176 10.39 -10.21 -5.42
C SER B 176 9.31 -9.19 -5.73
C SER B 176 9.31 -9.18 -5.72
N THR B 177 9.18 -8.80 -6.99
CA THR B 177 8.17 -7.82 -7.38
C THR B 177 7.73 -8.05 -8.82
N ARG B 178 6.54 -7.58 -9.16
CA ARG B 178 6.06 -7.73 -10.54
C ARG B 178 6.53 -6.53 -11.36
N ILE B 179 7.01 -5.50 -10.67
CA ILE B 179 7.50 -4.29 -11.32
C ILE B 179 8.82 -4.56 -12.06
N ARG B 180 8.98 -3.92 -13.23
CA ARG B 180 10.21 -4.08 -14.00
C ARG B 180 11.32 -3.21 -13.38
N ILE B 181 12.34 -3.86 -12.83
CA ILE B 181 13.44 -3.16 -12.18
C ILE B 181 14.52 -2.78 -13.19
N THR B 182 14.86 -1.50 -13.24
CA THR B 182 15.88 -1.00 -14.17
C THR B 182 17.21 -0.77 -13.46
N ASP B 183 18.26 -0.51 -14.25
CA ASP B 183 19.57 -0.26 -13.68
C ASP B 183 19.63 1.05 -12.87
N ASN B 184 18.56 1.85 -12.94
CA ASN B 184 18.50 3.11 -12.18
C ASN B 184 17.80 2.87 -10.83
N MET B 185 17.67 1.60 -10.45
CA MET B 185 17.03 1.22 -9.19
C MET B 185 17.84 0.15 -8.47
N PHE B 186 17.63 0.04 -7.15
CA PHE B 186 18.24 -1.02 -6.35
C PHE B 186 17.24 -1.28 -5.22
N CYS B 187 17.37 -2.39 -4.51
N CYS B 187 17.44 -2.34 -4.46
CA CYS B 187 16.43 -2.69 -3.44
CA CYS B 187 16.49 -2.69 -3.43
C CYS B 187 17.15 -3.18 -2.17
C CYS B 187 17.17 -3.17 -2.17
N ALA B 188 16.51 -2.97 -1.03
CA ALA B 188 17.08 -3.37 0.25
C ALA B 188 16.02 -3.79 1.24
N GLY B 189 16.45 -4.46 2.30
CA GLY B 189 15.53 -4.90 3.32
C GLY B 189 15.87 -6.29 3.81
N TYR B 190 15.30 -6.65 4.95
CA TYR B 190 15.54 -7.95 5.54
C TYR B 190 14.66 -9.06 5.03
N LYS B 191 15.20 -10.27 5.10
CA LYS B 191 14.49 -11.48 4.72
C LYS B 191 13.35 -11.53 5.73
N PRO B 192 12.11 -11.21 5.31
CA PRO B 192 10.94 -11.22 6.21
C PRO B 192 10.77 -12.50 7.02
N ASP B 193 11.41 -13.57 6.57
CA ASP B 193 11.34 -14.85 7.24
C ASP B 193 12.38 -14.93 8.37
N GLU B 194 13.10 -13.84 8.60
CA GLU B 194 14.12 -13.85 9.66
C GLU B 194 13.87 -12.85 10.80
N GLY B 195 12.66 -12.87 11.35
CA GLY B 195 12.34 -12.02 12.48
C GLY B 195 11.78 -10.62 12.29
N LYS B 196 11.36 -10.01 13.41
CA LYS B 196 10.81 -8.66 13.43
C LYS B 196 11.93 -7.67 13.14
N ARG B 197 12.14 -7.40 11.86
CA ARG B 197 13.18 -6.48 11.45
C ARG B 197 12.57 -5.15 11.02
N GLY B 198 13.35 -4.09 11.11
CA GLY B 198 12.86 -2.79 10.72
C GLY B 198 12.58 -2.80 9.23
N ASP B 199 11.72 -1.89 8.80
CA ASP B 199 11.37 -1.76 7.39
C ASP B 199 11.19 -0.30 7.03
N ALA B 200 11.48 0.02 5.78
CA ALA B 200 11.28 1.36 5.25
C ALA B 200 9.88 1.19 4.67
N CYS B 201 9.05 2.23 4.70
CA CYS B 201 7.69 2.10 4.21
C CYS B 201 7.32 3.04 3.06
N GLU B 202 6.19 2.75 2.41
CA GLU B 202 5.70 3.57 1.32
C GLU B 202 5.65 5.02 1.81
N GLY B 203 5.24 5.18 3.06
CA GLY B 203 5.14 6.51 3.65
C GLY B 203 6.48 7.22 3.81
N ASP B 204 7.58 6.48 3.69
CA ASP B 204 8.90 7.10 3.82
C ASP B 204 9.42 7.60 2.47
N SER B 205 8.60 7.48 1.43
CA SER B 205 8.95 7.92 0.07
C SER B 205 9.63 9.30 0.03
N GLY B 206 10.63 9.43 -0.84
CA GLY B 206 11.34 10.69 -0.98
C GLY B 206 12.53 10.87 -0.06
N GLY B 207 12.53 10.14 1.05
CA GLY B 207 13.60 10.22 2.03
C GLY B 207 14.88 9.54 1.56
N PRO B 208 16.01 9.84 2.22
CA PRO B 208 17.31 9.26 1.84
C PRO B 208 17.72 7.90 2.42
N PHE B 209 18.52 7.18 1.64
CA PHE B 209 19.10 5.88 2.01
C PHE B 209 20.59 6.26 2.01
N VAL B 210 21.18 6.34 3.20
CA VAL B 210 22.58 6.75 3.32
C VAL B 210 23.55 5.67 3.79
N MET B 211 24.82 5.88 3.48
CA MET B 211 25.89 4.96 3.88
C MET B 211 27.10 5.77 4.31
N LYS B 212 27.82 5.30 5.33
CA LYS B 212 29.01 6.01 5.80
C LYS B 212 30.27 5.37 5.21
N SER B 213 31.03 6.18 4.47
CA SER B 213 32.25 5.69 3.83
C SER B 213 33.34 5.33 4.83
N PRO B 214 33.94 4.13 4.69
CA PRO B 214 35.01 3.70 5.59
C PRO B 214 36.34 4.30 5.14
N PHE B 215 36.31 5.01 4.01
CA PHE B 215 37.51 5.63 3.45
C PHE B 215 37.72 7.07 3.92
N ASN B 216 36.63 7.82 4.09
CA ASN B 216 36.75 9.20 4.54
C ASN B 216 35.75 9.56 5.65
N ASN B 217 35.04 8.56 6.16
CA ASN B 217 34.07 8.74 7.23
C ASN B 217 32.97 9.78 6.99
N ARG B 218 32.60 9.97 5.73
CA ARG B 218 31.55 10.92 5.37
C ARG B 218 30.29 10.11 5.02
N TRP B 219 29.12 10.72 5.19
CA TRP B 219 27.87 10.06 4.85
C TRP B 219 27.48 10.44 3.42
N TYR B 220 27.11 9.44 2.63
CA TYR B 220 26.73 9.64 1.23
C TYR B 220 25.31 9.16 1.00
N GLN B 221 24.52 9.91 0.23
CA GLN B 221 23.16 9.47 -0.08
C GLN B 221 23.23 8.61 -1.33
N MET B 222 23.05 7.30 -1.16
CA MET B 222 23.11 6.36 -2.28
C MET B 222 21.74 6.15 -2.93
N GLY B 223 20.67 6.36 -2.18
CA GLY B 223 19.35 6.16 -2.75
C GLY B 223 18.26 7.07 -2.22
N ILE B 224 17.11 6.99 -2.88
CA ILE B 224 15.90 7.74 -2.52
C ILE B 224 14.77 6.72 -2.43
N VAL B 225 14.02 6.70 -1.32
CA VAL B 225 12.93 5.75 -1.21
C VAL B 225 11.93 6.01 -2.35
N SER B 226 11.74 5.03 -3.23
CA SER B 226 10.83 5.16 -4.36
C SER B 226 9.47 4.52 -4.06
N TRP B 227 9.49 3.30 -3.53
CA TRP B 227 8.26 2.61 -3.13
C TRP B 227 8.60 1.45 -2.19
N GLY B 228 7.66 1.08 -1.35
CA GLY B 228 7.91 -0.03 -0.42
C GLY B 228 6.82 -1.07 -0.52
N GLU B 229 7.21 -2.36 -0.60
CA GLU B 229 6.22 -3.42 -0.72
C GLU B 229 6.00 -4.21 0.58
N GLY B 230 6.84 -3.95 1.58
CA GLY B 230 6.68 -4.62 2.86
C GLY B 230 5.92 -3.69 3.78
N CYS B 231 6.26 -3.70 5.07
N CYS B 231 6.27 -3.70 5.07
CA CYS B 231 5.58 -2.84 6.04
CA CYS B 231 5.62 -2.80 6.02
C CYS B 231 4.10 -3.17 6.17
C CYS B 231 4.13 -3.14 6.18
N ASP B 232 3.26 -2.31 5.60
CA ASP B 232 1.81 -2.51 5.67
C ASP B 232 1.22 -3.37 4.55
N ARG B 233 2.08 -4.05 3.80
CA ARG B 233 1.62 -4.93 2.73
C ARG B 233 2.38 -6.26 2.88
N ASP B 234 1.96 -7.30 2.17
CA ASP B 234 2.61 -8.60 2.28
C ASP B 234 3.86 -8.79 1.44
N GLY B 235 4.41 -7.69 0.92
CA GLY B 235 5.61 -7.76 0.09
C GLY B 235 6.89 -7.98 0.86
N LYS B 236 8.01 -7.92 0.16
CA LYS B 236 9.29 -8.15 0.79
C LYS B 236 10.21 -6.95 1.03
N TYR B 237 10.55 -6.23 -0.03
CA TYR B 237 11.49 -5.14 0.09
C TYR B 237 11.05 -3.73 -0.28
N GLY B 238 11.97 -2.79 -0.02
CA GLY B 238 11.79 -1.40 -0.35
C GLY B 238 12.63 -1.20 -1.61
N PHE B 239 12.19 -0.33 -2.52
CA PHE B 239 12.92 -0.08 -3.75
C PHE B 239 13.36 1.36 -3.80
N TYR B 240 14.59 1.57 -4.26
CA TYR B 240 15.20 2.90 -4.28
C TYR B 240 15.75 3.41 -5.62
N THR B 241 15.68 4.73 -5.78
CA THR B 241 16.22 5.40 -6.95
C THR B 241 17.74 5.40 -6.75
N HIS B 242 18.48 4.94 -7.76
CA HIS B 242 19.94 4.84 -7.73
C HIS B 242 20.53 6.24 -7.97
N VAL B 243 20.87 6.94 -6.88
CA VAL B 243 21.39 8.30 -7.01
C VAL B 243 22.62 8.50 -7.90
N PHE B 244 23.64 7.66 -7.73
CA PHE B 244 24.85 7.83 -8.55
C PHE B 244 24.55 7.70 -10.05
N ARG B 245 23.67 6.77 -10.41
CA ARG B 245 23.29 6.56 -11.79
C ARG B 245 22.66 7.82 -12.42
N LEU B 246 22.13 8.69 -11.57
CA LEU B 246 21.49 9.91 -12.07
C LEU B 246 22.24 11.17 -11.68
N LYS B 247 23.48 11.01 -11.22
CA LYS B 247 24.26 12.17 -10.80
C LYS B 247 24.54 13.17 -11.92
N LYS B 248 24.64 12.70 -13.16
CA LYS B 248 24.89 13.63 -14.26
C LYS B 248 23.75 14.63 -14.40
N TRP B 249 22.51 14.17 -14.27
CA TRP B 249 21.36 15.05 -14.37
C TRP B 249 21.35 16.03 -13.20
N ILE B 250 21.57 15.51 -12.00
CA ILE B 250 21.61 16.34 -10.80
C ILE B 250 22.64 17.46 -10.97
N GLN B 251 23.85 17.09 -11.39
CA GLN B 251 24.92 18.06 -11.59
C GLN B 251 24.58 19.05 -12.69
N LYS B 252 23.91 18.58 -13.73
CA LYS B 252 23.52 19.45 -14.85
C LYS B 252 22.58 20.54 -14.36
N VAL B 253 21.56 20.15 -13.61
CA VAL B 253 20.58 21.09 -13.10
C VAL B 253 21.17 22.14 -12.15
N ILE B 254 21.94 21.69 -11.17
CA ILE B 254 22.52 22.63 -10.22
C ILE B 254 23.48 23.61 -10.90
N ASP B 255 24.30 23.12 -11.82
CA ASP B 255 25.24 24.00 -12.50
C ASP B 255 24.56 25.02 -13.41
N GLN B 256 23.47 24.63 -14.06
CA GLN B 256 22.78 25.54 -14.96
C GLN B 256 21.83 26.51 -14.27
N PHE B 257 21.16 26.06 -13.20
CA PHE B 257 20.20 26.92 -12.53
C PHE B 257 20.55 27.33 -11.10
N GLY B 258 21.70 26.88 -10.60
CA GLY B 258 22.10 27.24 -9.26
C GLY B 258 22.67 28.64 -9.16
N GLU B 259 22.89 29.10 -7.93
CA GLU B 259 23.43 30.43 -7.62
C GLU B 259 22.35 31.52 -7.56
N GLY C 1 -28.71 -19.82 -8.12
CA GLY C 1 -28.14 -21.13 -7.71
C GLY C 1 -29.09 -21.88 -6.79
N GLU C 2 -29.02 -21.57 -5.49
CA GLU C 2 -29.90 -22.22 -4.53
C GLU C 2 -31.27 -21.55 -4.57
N ALA C 3 -32.32 -22.34 -4.32
CA ALA C 3 -33.69 -21.85 -4.35
C ALA C 3 -33.92 -20.57 -3.54
N ASP C 4 -33.42 -20.52 -2.31
CA ASP C 4 -33.62 -19.34 -1.47
C ASP C 4 -32.38 -18.50 -1.22
N CYS C 5 -31.44 -18.49 -2.18
CA CYS C 5 -30.22 -17.68 -2.02
C CYS C 5 -30.61 -16.21 -1.91
N GLY C 6 -29.79 -15.44 -1.22
CA GLY C 6 -30.02 -14.01 -1.08
C GLY C 6 -31.19 -13.51 -0.26
N LEU C 7 -31.88 -14.41 0.44
CA LEU C 7 -32.99 -14.02 1.31
C LEU C 7 -32.54 -14.30 2.73
N ARG C 8 -32.27 -13.23 3.48
CA ARG C 8 -31.78 -13.36 4.85
C ARG C 8 -32.83 -13.78 5.88
N PRO C 9 -32.51 -14.81 6.68
CA PRO C 9 -33.41 -15.34 7.71
C PRO C 9 -33.92 -14.28 8.70
N LEU C 10 -33.04 -13.39 9.13
CA LEU C 10 -33.42 -12.36 10.09
C LEU C 10 -33.98 -11.07 9.48
N PHE C 11 -34.06 -11.01 8.15
CA PHE C 11 -34.59 -9.82 7.51
C PHE C 11 -35.67 -10.12 6.46
N GLU C 12 -35.28 -10.33 5.21
CA GLU C 12 -36.27 -10.60 4.15
C GLU C 12 -37.29 -11.67 4.53
N LYS C 13 -36.87 -12.67 5.29
N LYS C 13 -36.86 -12.67 5.29
CA LYS C 13 -37.77 -13.74 5.68
CA LYS C 13 -37.76 -13.75 5.70
C LYS C 13 -38.68 -13.38 6.85
C LYS C 13 -38.71 -13.34 6.82
N LYS C 14 -38.32 -12.33 7.58
CA LYS C 14 -39.12 -11.84 8.70
C LYS C 14 -39.75 -10.51 8.33
N SER C 15 -39.73 -10.19 7.04
CA SER C 15 -40.28 -8.92 6.56
C SER C 15 -39.72 -7.74 7.36
N LEU C 16 -38.41 -7.75 7.55
CA LEU C 16 -37.73 -6.69 8.27
C LEU C 16 -36.58 -6.16 7.40
N GLU C 17 -36.31 -4.87 7.48
CA GLU C 17 -35.24 -4.26 6.69
C GLU C 17 -34.11 -3.80 7.62
N ASP C 18 -32.87 -3.87 7.14
CA ASP C 18 -31.76 -3.42 7.97
C ASP C 18 -31.68 -1.90 7.96
N LYS C 19 -30.84 -1.34 8.81
CA LYS C 19 -30.69 0.11 8.96
C LYS C 19 -30.28 0.96 7.75
N THR C 20 -29.52 0.39 6.82
CA THR C 20 -29.08 1.19 5.68
C THR C 20 -29.43 0.68 4.29
N GLU C 21 -30.20 -0.40 4.20
CA GLU C 21 -30.51 -0.91 2.87
C GLU C 21 -31.33 0.06 2.00
N ARG C 22 -32.15 0.90 2.63
CA ARG C 22 -32.97 1.84 1.86
C ARG C 22 -32.09 2.77 1.03
N GLU C 23 -30.89 3.05 1.52
CA GLU C 23 -29.96 3.91 0.80
C GLU C 23 -29.61 3.30 -0.55
N LEU C 24 -29.47 1.97 -0.56
CA LEU C 24 -29.15 1.27 -1.80
C LEU C 24 -30.30 1.35 -2.80
N LEU C 25 -31.49 1.00 -2.35
CA LEU C 25 -32.66 1.04 -3.23
C LEU C 25 -32.93 2.45 -3.78
N GLU C 26 -32.69 3.47 -2.96
CA GLU C 26 -32.90 4.85 -3.40
C GLU C 26 -31.93 5.25 -4.52
N SER C 27 -30.74 4.67 -4.51
CA SER C 27 -29.75 4.99 -5.54
C SER C 27 -30.20 4.49 -6.91
N TYR C 28 -31.10 3.51 -6.94
CA TYR C 28 -31.61 2.98 -8.20
C TYR C 28 -32.61 3.94 -8.84
N ILE C 29 -33.27 4.73 -8.01
CA ILE C 29 -34.27 5.67 -8.48
C ILE C 29 -33.69 7.04 -8.84
N ILE D 1 -12.18 -1.95 6.21
CA ILE D 1 -13.22 -0.90 6.04
C ILE D 1 -12.81 0.36 6.80
N VAL D 2 -13.16 1.52 6.24
CA VAL D 2 -12.85 2.80 6.87
C VAL D 2 -14.15 3.61 6.95
N GLU D 3 -14.42 4.16 8.12
CA GLU D 3 -15.60 4.98 8.32
C GLU D 3 -16.90 4.30 7.92
N GLY D 4 -17.09 3.08 8.41
CA GLY D 4 -18.30 2.34 8.12
C GLY D 4 -19.07 2.23 9.42
N SER D 5 -20.14 1.45 9.45
CA SER D 5 -20.89 1.29 10.69
C SER D 5 -20.99 -0.18 11.06
N ASP D 6 -21.33 -0.46 12.32
CA ASP D 6 -21.45 -1.83 12.78
C ASP D 6 -22.56 -2.54 12.03
N ALA D 7 -22.32 -3.79 11.68
CA ALA D 7 -23.32 -4.59 10.98
C ALA D 7 -24.31 -5.10 12.02
N GLU D 8 -25.58 -5.23 11.64
CA GLU D 8 -26.58 -5.74 12.56
C GLU D 8 -26.43 -7.26 12.56
N ILE D 9 -26.97 -7.93 13.56
CA ILE D 9 -26.87 -9.38 13.64
C ILE D 9 -27.54 -10.03 12.44
N GLY D 10 -26.84 -10.98 11.80
CA GLY D 10 -27.40 -11.67 10.66
C GLY D 10 -27.63 -10.83 9.42
N MET D 11 -26.98 -9.66 9.36
CA MET D 11 -27.12 -8.74 8.24
C MET D 11 -26.37 -9.21 6.99
N SER D 12 -25.32 -10.01 7.19
CA SER D 12 -24.49 -10.51 6.08
C SER D 12 -24.17 -11.98 6.39
N PRO D 13 -25.21 -12.84 6.37
CA PRO D 13 -25.08 -14.27 6.65
C PRO D 13 -24.18 -15.09 5.73
N TRP D 14 -23.81 -14.51 4.59
CA TRP D 14 -22.95 -15.17 3.62
C TRP D 14 -21.49 -14.78 3.81
N GLN D 15 -21.23 -13.95 4.81
CA GLN D 15 -19.86 -13.50 5.11
C GLN D 15 -18.98 -14.66 5.56
N VAL D 16 -17.77 -14.73 5.00
CA VAL D 16 -16.81 -15.77 5.38
C VAL D 16 -15.45 -15.13 5.68
N MET D 17 -14.78 -15.64 6.71
CA MET D 17 -13.46 -15.14 7.11
C MET D 17 -12.42 -16.21 6.76
N LEU D 18 -11.45 -15.86 5.93
CA LEU D 18 -10.40 -16.80 5.57
C LEU D 18 -9.21 -16.57 6.51
N PHE D 19 -8.86 -17.61 7.28
CA PHE D 19 -7.74 -17.55 8.25
C PHE D 19 -6.54 -18.41 7.85
N ARG D 20 -5.37 -18.02 8.33
CA ARG D 20 -4.15 -18.80 8.15
C ARG D 20 -4.12 -19.59 9.45
N LYS D 21 -3.43 -20.73 9.47
CA LYS D 21 -3.36 -21.55 10.69
C LYS D 21 -2.23 -21.10 11.61
N SER D 22 -1.13 -20.65 11.01
CA SER D 22 0.05 -20.20 11.76
C SER D 22 0.75 -19.04 11.05
N PRO D 23 0.65 -17.82 11.61
CA PRO D 23 -0.09 -17.52 12.84
C PRO D 23 -1.58 -17.58 12.55
N GLN D 24 -2.39 -17.88 13.56
CA GLN D 24 -3.82 -17.95 13.33
C GLN D 24 -4.39 -16.53 13.30
N GLU D 25 -4.63 -16.02 12.09
CA GLU D 25 -5.15 -14.67 11.93
C GLU D 25 -5.88 -14.53 10.60
N LEU D 26 -6.71 -13.48 10.52
CA LEU D 26 -7.48 -13.20 9.31
C LEU D 26 -6.56 -12.85 8.14
N LEU D 27 -6.80 -13.50 7.01
CA LEU D 27 -6.02 -13.29 5.80
C LEU D 27 -6.80 -12.44 4.79
N CYS D 28 -8.08 -12.76 4.59
CA CYS D 28 -8.93 -12.05 3.64
C CYS D 28 -10.40 -12.32 3.90
N GLY D 29 -11.26 -11.61 3.18
CA GLY D 29 -12.68 -11.85 3.31
C GLY D 29 -13.04 -12.89 2.27
N ALA D 30 -14.29 -13.36 2.27
CA ALA D 30 -14.78 -14.36 1.31
C ALA D 30 -16.30 -14.44 1.44
N SER D 31 -16.94 -15.25 0.60
CA SER D 31 -18.40 -15.36 0.64
C SER D 31 -18.90 -16.79 0.44
N LEU D 32 -20.07 -17.09 1.01
CA LEU D 32 -20.67 -18.42 0.89
C LEU D 32 -21.68 -18.41 -0.24
N ILE D 33 -21.52 -19.31 -1.22
CA ILE D 33 -22.47 -19.36 -2.33
C ILE D 33 -23.29 -20.66 -2.38
N SER D 34 -22.96 -21.60 -1.49
CA SER D 34 -23.67 -22.87 -1.37
C SER D 34 -23.17 -23.54 -0.07
N ASP D 35 -23.71 -24.70 0.26
CA ASP D 35 -23.30 -25.35 1.51
C ASP D 35 -21.86 -25.87 1.49
N ARG D 36 -21.22 -25.89 0.33
CA ARG D 36 -19.85 -26.38 0.26
C ARG D 36 -18.87 -25.58 -0.61
N TRP D 37 -19.32 -24.45 -1.16
CA TRP D 37 -18.45 -23.62 -2.00
C TRP D 37 -18.32 -22.19 -1.46
N VAL D 38 -17.09 -21.69 -1.44
CA VAL D 38 -16.78 -20.35 -0.95
C VAL D 38 -15.99 -19.57 -2.02
N LEU D 39 -16.37 -18.32 -2.23
CA LEU D 39 -15.72 -17.48 -3.22
C LEU D 39 -14.78 -16.44 -2.56
N THR D 40 -13.63 -16.20 -3.18
CA THR D 40 -12.66 -15.21 -2.66
C THR D 40 -11.81 -14.68 -3.82
N ALA D 41 -10.82 -13.86 -3.50
CA ALA D 41 -9.93 -13.29 -4.51
C ALA D 41 -8.70 -14.17 -4.69
N ALA D 42 -8.31 -14.39 -5.94
CA ALA D 42 -7.13 -15.22 -6.21
C ALA D 42 -5.85 -14.68 -5.58
N HIS D 43 -5.68 -13.36 -5.52
CA HIS D 43 -4.44 -12.79 -4.96
C HIS D 43 -4.29 -13.05 -3.46
N CYS D 44 -5.38 -13.46 -2.80
CA CYS D 44 -5.34 -13.77 -1.38
C CYS D 44 -4.64 -15.11 -1.17
N LEU D 45 -4.60 -15.92 -2.22
CA LEU D 45 -4.01 -17.25 -2.16
C LEU D 45 -2.73 -17.40 -2.97
N LEU D 46 -2.66 -16.68 -4.08
CA LEU D 46 -1.51 -16.80 -4.98
C LEU D 46 -0.90 -15.49 -5.49
N TYR D 47 0.40 -15.32 -5.23
CA TYR D 47 1.15 -14.15 -5.70
C TYR D 47 2.63 -14.50 -5.57
N PRO D 48 3.20 -15.17 -6.58
CA PRO D 48 4.59 -15.61 -6.68
C PRO D 48 5.71 -14.66 -6.24
N PRO D 49 5.69 -13.39 -6.70
CA PRO D 49 6.74 -12.45 -6.29
C PRO D 49 6.95 -12.37 -4.78
N TRP D 50 5.87 -12.45 -4.03
CA TRP D 50 5.94 -12.39 -2.57
C TRP D 50 5.96 -13.78 -1.95
N ASP D 51 6.23 -14.79 -2.79
CA ASP D 51 6.28 -16.18 -2.33
C ASP D 51 4.98 -16.59 -1.65
N LYS D 52 3.86 -16.12 -2.19
CA LYS D 52 2.56 -16.47 -1.63
C LYS D 52 1.95 -17.58 -2.47
N ASN D 53 1.88 -18.78 -1.90
CA ASN D 53 1.30 -19.92 -2.60
C ASN D 53 0.67 -20.88 -1.59
N PHE D 54 -0.45 -20.47 -1.00
CA PHE D 54 -1.12 -21.28 -0.01
C PHE D 54 -1.78 -22.53 -0.60
N THR D 55 -1.72 -23.64 0.16
CA THR D 55 -2.34 -24.87 -0.27
C THR D 55 -3.54 -25.09 0.65
N GLU D 56 -4.34 -26.11 0.35
CA GLU D 56 -5.54 -26.38 1.16
C GLU D 56 -5.31 -26.49 2.66
N ASN D 57 -4.22 -27.17 3.05
CA ASN D 57 -3.95 -27.37 4.47
C ASN D 57 -3.36 -26.20 5.25
N ASP D 58 -3.02 -25.12 4.57
CA ASP D 58 -2.46 -23.95 5.26
C ASP D 58 -3.55 -23.05 5.84
N LEU D 59 -4.79 -23.25 5.41
CA LEU D 59 -5.88 -22.38 5.83
C LEU D 59 -7.12 -23.01 6.44
N LEU D 60 -8.04 -22.15 6.87
CA LEU D 60 -9.32 -22.56 7.43
C LEU D 60 -10.28 -21.39 7.26
N VAL D 61 -11.59 -21.67 7.25
CA VAL D 61 -12.58 -20.60 7.11
C VAL D 61 -13.55 -20.59 8.28
N ARG D 62 -13.89 -19.39 8.74
CA ARG D 62 -14.84 -19.22 9.83
C ARG D 62 -16.09 -18.60 9.22
N ILE D 63 -17.25 -19.12 9.62
CA ILE D 63 -18.53 -18.67 9.08
C ILE D 63 -19.54 -18.39 10.19
N GLY D 64 -20.35 -17.35 10.00
CA GLY D 64 -21.35 -16.99 11.00
C GLY D 64 -20.79 -16.22 12.18
N LYS D 65 -19.60 -15.64 12.02
CA LYS D 65 -18.94 -14.88 13.09
C LYS D 65 -19.22 -13.38 13.04
N HIS D 66 -19.82 -12.87 14.10
CA HIS D 66 -20.19 -11.46 14.22
C HIS D 66 -19.07 -10.60 14.85
N SER D 67 -18.35 -11.19 15.80
CA SER D 67 -17.26 -10.50 16.50
C SER D 67 -15.93 -11.19 16.26
N ARG D 68 -14.86 -10.41 16.10
N ARG D 68 -14.86 -10.41 16.10
CA ARG D 68 -13.54 -10.98 15.86
CA ARG D 68 -13.53 -10.96 15.87
C ARG D 68 -12.76 -11.11 17.18
C ARG D 68 -12.76 -11.11 17.18
N THR D 69 -13.36 -10.66 18.26
CA THR D 69 -12.73 -10.73 19.58
C THR D 69 -13.31 -11.83 20.48
N ARG D 70 -14.34 -12.52 20.00
CA ARG D 70 -14.95 -13.57 20.81
C ARG D 70 -15.61 -14.68 20.00
N TYR D 71 -15.48 -15.90 20.50
CA TYR D 71 -16.07 -17.08 19.86
C TYR D 71 -17.56 -17.10 20.22
N GLU D 72 -18.42 -17.25 19.22
CA GLU D 72 -19.87 -17.29 19.44
C GLU D 72 -20.39 -18.72 19.52
N ARG D 73 -20.32 -19.28 20.72
CA ARG D 73 -20.75 -20.63 21.04
C ARG D 73 -21.68 -21.36 20.05
N ASN D 74 -22.96 -20.99 20.07
CA ASN D 74 -23.96 -21.63 19.22
C ASN D 74 -24.29 -20.89 17.93
N ILE D 75 -23.30 -20.27 17.29
CA ILE D 75 -23.57 -19.54 16.07
C ILE D 75 -22.54 -19.78 14.96
N GLU D 76 -21.26 -19.52 15.25
CA GLU D 76 -20.24 -19.69 14.24
C GLU D 76 -19.80 -21.12 14.01
N LYS D 77 -19.26 -21.36 12.81
CA LYS D 77 -18.78 -22.66 12.40
C LYS D 77 -17.41 -22.50 11.75
N ILE D 78 -16.62 -23.56 11.76
CA ILE D 78 -15.29 -23.51 11.17
C ILE D 78 -15.15 -24.71 10.24
N SER D 79 -14.51 -24.50 9.08
N SER D 79 -14.50 -24.50 9.10
CA SER D 79 -14.34 -25.58 8.11
CA SER D 79 -14.32 -25.59 8.13
C SER D 79 -12.94 -25.65 7.50
C SER D 79 -12.94 -25.61 7.50
N MET D 80 -12.50 -26.81 7.13
N MET D 80 -12.53 -26.86 7.12
CA MET D 80 -11.21 -27.00 6.49
CA MET D 80 -11.23 -27.06 6.48
C MET D 80 -11.50 -27.01 4.99
C MET D 80 -11.50 -27.03 4.98
N LEU D 81 -10.46 -26.87 4.18
CA LEU D 81 -10.63 -26.85 2.73
C LEU D 81 -10.23 -28.17 2.07
N GLU D 82 -11.07 -28.65 1.16
CA GLU D 82 -10.80 -29.89 0.45
C GLU D 82 -9.93 -29.58 -0.77
N LYS D 83 -10.30 -28.53 -1.50
CA LYS D 83 -9.55 -28.14 -2.70
C LYS D 83 -9.71 -26.66 -3.05
N ILE D 84 -8.65 -26.09 -3.61
CA ILE D 84 -8.63 -24.68 -4.03
C ILE D 84 -8.60 -24.61 -5.55
N TYR D 85 -9.41 -23.72 -6.14
CA TYR D 85 -9.43 -23.56 -7.59
C TYR D 85 -9.19 -22.10 -7.95
N ILE D 86 -8.04 -21.82 -8.56
CA ILE D 86 -7.67 -20.48 -8.98
C ILE D 86 -8.03 -20.34 -10.46
N HIS D 87 -8.64 -19.23 -10.85
CA HIS D 87 -8.99 -19.04 -12.26
C HIS D 87 -7.72 -19.20 -13.10
N PRO D 88 -7.75 -20.08 -14.11
CA PRO D 88 -6.58 -20.30 -14.97
C PRO D 88 -6.04 -19.06 -15.70
N ARG D 89 -6.90 -18.06 -15.90
N ARG D 89 -6.90 -18.06 -15.90
CA ARG D 89 -6.48 -16.85 -16.59
CA ARG D 89 -6.50 -16.83 -16.60
C ARG D 89 -6.14 -15.70 -15.63
C ARG D 89 -6.13 -15.70 -15.64
N TYR D 90 -6.00 -16.02 -14.35
CA TYR D 90 -5.65 -15.03 -13.33
C TYR D 90 -4.31 -14.40 -13.75
N ASN D 91 -4.30 -13.08 -13.92
CA ASN D 91 -3.10 -12.37 -14.36
C ASN D 91 -2.49 -11.52 -13.27
N TRP D 92 -1.67 -12.13 -12.40
CA TRP D 92 -1.03 -11.38 -11.32
C TRP D 92 0.15 -10.57 -11.79
N ARG D 93 0.75 -11.00 -12.89
CA ARG D 93 1.92 -10.36 -13.46
C ARG D 93 1.66 -8.93 -13.92
N GLU D 94 0.42 -8.62 -14.30
CA GLU D 94 0.12 -7.27 -14.78
C GLU D 94 -0.88 -6.44 -13.99
N ASN D 95 -2.11 -6.92 -13.89
CA ASN D 95 -3.16 -6.15 -13.24
C ASN D 95 -4.18 -6.90 -12.39
N LEU D 96 -3.91 -8.17 -12.08
CA LEU D 96 -4.85 -8.99 -11.31
C LEU D 96 -6.15 -9.23 -12.08
N ASP D 97 -6.07 -9.29 -13.42
CA ASP D 97 -7.25 -9.55 -14.23
C ASP D 97 -7.76 -10.94 -13.80
N ARG D 98 -9.08 -11.08 -13.69
CA ARG D 98 -9.72 -12.32 -13.25
C ARG D 98 -9.22 -12.74 -11.85
N ASP D 99 -9.31 -11.80 -10.91
CA ASP D 99 -8.88 -12.05 -9.54
C ASP D 99 -9.99 -12.82 -8.81
N ILE D 100 -10.03 -14.13 -9.01
CA ILE D 100 -11.06 -14.93 -8.38
C ILE D 100 -10.61 -16.37 -8.13
N ALA D 101 -11.17 -16.96 -7.08
CA ALA D 101 -10.85 -18.33 -6.69
C ALA D 101 -12.05 -18.96 -5.98
N LEU D 102 -12.15 -20.28 -6.10
CA LEU D 102 -13.20 -21.06 -5.45
C LEU D 102 -12.55 -22.03 -4.48
N MET D 103 -13.16 -22.18 -3.31
CA MET D 103 -12.64 -23.10 -2.31
C MET D 103 -13.75 -24.06 -1.91
N LYS D 104 -13.48 -25.37 -1.99
CA LYS D 104 -14.46 -26.38 -1.62
C LYS D 104 -14.23 -26.84 -0.20
N LEU D 105 -15.28 -26.82 0.61
CA LEU D 105 -15.19 -27.23 2.01
C LEU D 105 -15.18 -28.75 2.12
N LYS D 106 -14.44 -29.29 3.08
CA LYS D 106 -14.39 -30.75 3.24
C LYS D 106 -15.76 -31.34 3.55
N LYS D 107 -16.52 -30.66 4.38
CA LYS D 107 -17.86 -31.10 4.75
C LYS D 107 -18.84 -29.94 4.59
N PRO D 108 -20.07 -30.23 4.14
CA PRO D 108 -21.06 -29.16 3.96
C PRO D 108 -21.38 -28.44 5.27
N VAL D 109 -21.65 -27.14 5.19
CA VAL D 109 -21.98 -26.36 6.38
C VAL D 109 -23.50 -26.21 6.50
N ALA D 110 -24.02 -26.36 7.70
CA ALA D 110 -25.45 -26.25 7.94
C ALA D 110 -25.88 -24.78 7.97
N PHE D 111 -26.91 -24.45 7.20
CA PHE D 111 -27.40 -23.07 7.19
C PHE D 111 -28.17 -22.82 8.46
N SER D 112 -28.28 -21.55 8.84
CA SER D 112 -28.99 -21.17 10.05
C SER D 112 -29.44 -19.72 9.89
N ASP D 113 -29.82 -19.09 11.00
CA ASP D 113 -30.24 -17.70 10.95
C ASP D 113 -29.03 -16.80 10.68
N TYR D 114 -27.84 -17.32 10.96
CA TYR D 114 -26.60 -16.57 10.81
C TYR D 114 -25.71 -17.02 9.66
N ILE D 115 -26.09 -18.11 9.00
CA ILE D 115 -25.32 -18.66 7.89
C ILE D 115 -26.28 -18.94 6.74
N HIS D 116 -26.14 -18.19 5.65
CA HIS D 116 -27.02 -18.35 4.50
C HIS D 116 -26.28 -17.87 3.25
N PRO D 117 -26.42 -18.58 2.13
CA PRO D 117 -25.74 -18.22 0.87
C PRO D 117 -26.29 -16.99 0.14
N VAL D 118 -25.40 -16.31 -0.58
CA VAL D 118 -25.78 -15.13 -1.36
C VAL D 118 -26.02 -15.64 -2.79
N CYS D 119 -26.74 -14.86 -3.60
CA CYS D 119 -26.99 -15.27 -4.99
C CYS D 119 -25.93 -14.73 -5.93
N LEU D 120 -25.71 -15.44 -7.03
CA LEU D 120 -24.79 -15.00 -8.07
C LEU D 120 -25.72 -14.43 -9.14
N PRO D 121 -25.35 -13.28 -9.74
CA PRO D 121 -26.21 -12.66 -10.76
C PRO D 121 -26.32 -13.32 -12.13
N ASP D 122 -27.45 -13.09 -12.77
CA ASP D 122 -27.70 -13.58 -14.12
C ASP D 122 -27.48 -12.37 -15.01
N ARG D 123 -27.51 -12.54 -16.32
CA ARG D 123 -27.29 -11.42 -17.23
C ARG D 123 -28.27 -10.27 -17.00
N GLU D 124 -29.55 -10.59 -16.85
CA GLU D 124 -30.57 -9.56 -16.65
C GLU D 124 -30.32 -8.72 -15.40
N THR D 125 -30.00 -9.36 -14.28
CA THR D 125 -29.75 -8.63 -13.04
C THR D 125 -28.49 -7.79 -13.12
N ALA D 126 -27.47 -8.32 -13.78
CA ALA D 126 -26.20 -7.59 -13.94
C ALA D 126 -26.39 -6.38 -14.85
N ALA D 127 -27.18 -6.55 -15.91
CA ALA D 127 -27.43 -5.48 -16.86
C ALA D 127 -28.20 -4.35 -16.20
N SER D 128 -29.14 -4.67 -15.33
CA SER D 128 -29.93 -3.63 -14.69
C SER D 128 -29.31 -2.99 -13.45
N LEU D 129 -28.48 -3.72 -12.71
CA LEU D 129 -27.91 -3.18 -11.48
C LEU D 129 -26.46 -2.66 -11.54
N LEU D 130 -25.65 -3.20 -12.46
CA LEU D 130 -24.26 -2.77 -12.56
C LEU D 130 -24.18 -1.51 -13.43
N GLN D 131 -24.63 -0.40 -12.85
CA GLN D 131 -24.67 0.92 -13.51
C GLN D 131 -24.02 1.99 -12.62
N ALA D 132 -23.33 2.93 -13.24
CA ALA D 132 -22.69 4.02 -12.50
C ALA D 132 -23.70 4.79 -11.67
N GLY D 133 -23.35 5.07 -10.41
CA GLY D 133 -24.26 5.80 -9.55
C GLY D 133 -25.01 4.89 -8.59
N TYR D 134 -25.32 3.68 -9.03
CA TYR D 134 -26.03 2.71 -8.20
C TYR D 134 -25.08 2.27 -7.08
N LYS D 135 -25.61 2.14 -5.87
CA LYS D 135 -24.81 1.77 -4.71
C LYS D 135 -24.82 0.27 -4.37
N GLY D 136 -23.67 -0.20 -3.90
CA GLY D 136 -23.51 -1.58 -3.49
C GLY D 136 -23.00 -1.57 -2.06
N ARG D 137 -22.91 -2.75 -1.45
CA ARG D 137 -22.46 -2.86 -0.07
C ARG D 137 -21.23 -3.74 0.09
N VAL D 138 -20.28 -3.29 0.91
CA VAL D 138 -19.07 -4.07 1.16
C VAL D 138 -18.94 -4.28 2.67
N THR D 139 -18.58 -5.50 3.04
CA THR D 139 -18.43 -5.84 4.45
C THR D 139 -17.01 -6.31 4.73
N GLY D 140 -16.52 -5.97 5.92
CA GLY D 140 -15.17 -6.34 6.31
C GLY D 140 -14.93 -5.94 7.76
N TRP D 141 -13.67 -5.82 8.16
CA TRP D 141 -13.37 -5.45 9.53
C TRP D 141 -12.61 -4.13 9.65
N GLY D 142 -12.69 -3.50 10.82
CA GLY D 142 -12.02 -2.23 11.03
C GLY D 142 -10.55 -2.42 11.35
N PRO D 157 -13.52 -1.06 15.85
CA PRO D 157 -14.54 -1.91 16.49
C PRO D 157 -14.19 -3.39 16.42
N SER D 158 -14.97 -4.21 17.11
CA SER D 158 -14.73 -5.65 17.12
C SER D 158 -15.73 -6.41 16.25
N VAL D 159 -16.86 -5.77 15.94
CA VAL D 159 -17.89 -6.41 15.11
C VAL D 159 -17.71 -6.11 13.62
N LEU D 160 -18.36 -6.92 12.80
CA LEU D 160 -18.30 -6.78 11.34
C LEU D 160 -18.69 -5.36 10.95
N GLN D 161 -17.98 -4.77 9.99
CA GLN D 161 -18.25 -3.41 9.53
C GLN D 161 -18.90 -3.39 8.15
N VAL D 162 -19.71 -2.36 7.89
CA VAL D 162 -20.39 -2.23 6.61
C VAL D 162 -20.31 -0.82 6.02
N VAL D 163 -20.20 -0.75 4.70
CA VAL D 163 -20.16 0.53 3.99
C VAL D 163 -20.87 0.40 2.65
N ASN D 164 -21.70 1.40 2.31
CA ASN D 164 -22.42 1.40 1.04
C ASN D 164 -21.68 2.38 0.11
N LEU D 165 -21.34 1.92 -1.09
CA LEU D 165 -20.57 2.72 -2.05
C LEU D 165 -21.15 2.73 -3.45
N PRO D 166 -21.05 3.88 -4.14
CA PRO D 166 -21.57 4.03 -5.51
C PRO D 166 -20.60 3.53 -6.58
N ILE D 167 -21.14 2.91 -7.63
CA ILE D 167 -20.34 2.42 -8.73
C ILE D 167 -19.87 3.66 -9.51
N VAL D 168 -18.60 3.65 -9.94
CA VAL D 168 -18.04 4.78 -10.67
C VAL D 168 -18.02 4.56 -12.18
N GLU D 169 -18.22 5.62 -12.94
CA GLU D 169 -18.19 5.53 -14.41
C GLU D 169 -16.84 4.96 -14.84
N ARG D 170 -16.85 4.11 -15.86
CA ARG D 170 -15.63 3.47 -16.31
C ARG D 170 -14.48 4.38 -16.73
N PRO D 171 -14.75 5.47 -17.47
CA PRO D 171 -13.68 6.38 -17.88
C PRO D 171 -13.00 7.02 -16.67
N VAL D 172 -13.79 7.31 -15.64
CA VAL D 172 -13.30 7.92 -14.43
C VAL D 172 -12.44 6.93 -13.63
N CYS D 173 -12.86 5.66 -13.60
CA CYS D 173 -12.10 4.63 -12.90
C CYS D 173 -10.70 4.52 -13.53
N LYS D 174 -10.67 4.47 -14.86
CA LYS D 174 -9.42 4.34 -15.60
C LYS D 174 -8.48 5.53 -15.41
N ASP D 175 -9.04 6.72 -15.26
N ASP D 175 -9.03 6.72 -15.25
CA ASP D 175 -8.26 7.93 -15.09
CA ASP D 175 -8.22 7.92 -15.07
C ASP D 175 -7.75 8.11 -13.66
C ASP D 175 -7.58 7.98 -13.68
N SER D 176 -8.19 7.24 -12.75
N SER D 176 -8.23 7.36 -12.70
CA SER D 176 -7.78 7.32 -11.35
CA SER D 176 -7.74 7.38 -11.32
C SER D 176 -6.64 6.38 -11.00
C SER D 176 -6.61 6.40 -11.00
N THR D 177 -6.19 5.59 -11.97
CA THR D 177 -5.11 4.63 -11.71
C THR D 177 -4.18 4.43 -12.91
N ARG D 178 -2.99 3.89 -12.66
CA ARG D 178 -2.06 3.63 -13.76
C ARG D 178 -2.26 2.18 -14.25
N ILE D 179 -3.01 1.41 -13.47
CA ILE D 179 -3.27 0.01 -13.81
C ILE D 179 -4.25 -0.08 -14.98
N ARG D 180 -4.02 -1.02 -15.89
CA ARG D 180 -4.90 -1.22 -17.04
C ARG D 180 -6.17 -1.95 -16.61
N ILE D 181 -7.31 -1.26 -16.69
CA ILE D 181 -8.60 -1.82 -16.29
C ILE D 181 -9.29 -2.57 -17.43
N THR D 182 -9.58 -3.86 -17.20
CA THR D 182 -10.23 -4.71 -18.20
C THR D 182 -11.74 -4.78 -17.99
N ASP D 183 -12.44 -5.47 -18.89
CA ASP D 183 -13.89 -5.61 -18.78
C ASP D 183 -14.28 -6.54 -17.64
N ASN D 184 -13.30 -7.22 -17.06
CA ASN D 184 -13.57 -8.14 -15.96
C ASN D 184 -13.43 -7.43 -14.60
N MET D 185 -13.43 -6.10 -14.64
CA MET D 185 -13.30 -5.27 -13.44
C MET D 185 -14.26 -4.09 -13.48
N PHE D 186 -14.51 -3.51 -12.31
CA PHE D 186 -15.31 -2.29 -12.18
C PHE D 186 -14.81 -1.61 -10.90
N CYS D 187 -15.14 -0.34 -10.70
CA CYS D 187 -14.67 0.33 -9.50
C CYS D 187 -15.78 1.10 -8.81
N ALA D 188 -15.60 1.33 -7.51
CA ALA D 188 -16.61 2.02 -6.72
C ALA D 188 -15.99 2.88 -5.63
N GLY D 189 -16.78 3.83 -5.13
CA GLY D 189 -16.31 4.71 -4.08
C GLY D 189 -16.78 6.14 -4.31
N TYR D 190 -16.78 6.93 -3.24
CA TYR D 190 -17.20 8.32 -3.32
C TYR D 190 -16.06 9.19 -3.83
N LYS D 191 -16.41 10.29 -4.48
CA LYS D 191 -15.41 11.22 -5.00
C LYS D 191 -14.70 11.86 -3.81
N PRO D 192 -13.39 12.11 -3.94
CA PRO D 192 -12.55 12.72 -2.90
C PRO D 192 -13.27 13.73 -2.02
N ARG D 197 -18.07 9.93 2.74
CA ARG D 197 -17.49 9.26 3.90
C ARG D 197 -17.71 7.75 3.84
N GLY D 198 -16.60 7.00 3.89
CA GLY D 198 -16.65 5.55 3.83
C GLY D 198 -15.80 5.00 2.71
N ASP D 199 -15.01 3.97 3.00
CA ASP D 199 -14.13 3.34 2.00
C ASP D 199 -13.95 1.85 2.26
N ALA D 200 -13.68 1.13 1.19
CA ALA D 200 -13.38 -0.29 1.24
C ALA D 200 -11.87 -0.21 1.06
N CYS D 201 -11.11 -1.05 1.77
CA CYS D 201 -9.67 -0.97 1.67
C CYS D 201 -9.00 -2.26 1.18
N GLU D 202 -7.69 -2.18 0.98
CA GLU D 202 -6.90 -3.32 0.53
C GLU D 202 -7.08 -4.48 1.52
N GLY D 203 -7.25 -4.14 2.80
CA GLY D 203 -7.43 -5.15 3.82
C GLY D 203 -8.74 -5.91 3.67
N ASP D 204 -9.66 -5.34 2.91
CA ASP D 204 -10.96 -5.98 2.70
C ASP D 204 -10.97 -6.95 1.52
N SER D 205 -9.82 -7.10 0.87
CA SER D 205 -9.66 -8.00 -0.28
C SER D 205 -10.35 -9.35 -0.09
N GLY D 206 -10.95 -9.85 -1.17
CA GLY D 206 -11.61 -11.14 -1.12
C GLY D 206 -13.07 -11.10 -0.69
N GLY D 207 -13.45 -10.04 0.03
CA GLY D 207 -14.82 -9.89 0.49
C GLY D 207 -15.79 -9.52 -0.62
N PRO D 208 -17.09 -9.71 -0.42
CA PRO D 208 -18.11 -9.41 -1.43
C PRO D 208 -18.65 -7.98 -1.53
N PHE D 209 -19.01 -7.59 -2.76
CA PHE D 209 -19.64 -6.30 -3.04
C PHE D 209 -21.03 -6.80 -3.44
N VAL D 210 -22.03 -6.51 -2.62
CA VAL D 210 -23.38 -6.99 -2.89
C VAL D 210 -24.41 -5.90 -3.18
N MET D 211 -25.48 -6.28 -3.87
CA MET D 211 -26.54 -5.35 -4.23
C MET D 211 -27.90 -6.02 -4.03
N LYS D 212 -28.87 -5.29 -3.50
CA LYS D 212 -30.20 -5.86 -3.31
C LYS D 212 -31.07 -5.55 -4.51
N SER D 213 -31.67 -6.58 -5.08
CA SER D 213 -32.53 -6.42 -6.25
C SER D 213 -33.87 -5.80 -5.90
N PRO D 214 -34.28 -4.75 -6.64
CA PRO D 214 -35.56 -4.12 -6.36
C PRO D 214 -36.69 -4.94 -6.98
N PHE D 215 -36.31 -5.90 -7.82
CA PHE D 215 -37.26 -6.77 -8.52
C PHE D 215 -37.73 -7.99 -7.70
N ASN D 216 -36.83 -8.62 -6.95
CA ASN D 216 -37.21 -9.78 -6.13
C ASN D 216 -36.69 -9.70 -4.69
N ASN D 217 -36.13 -8.55 -4.33
CA ASN D 217 -35.59 -8.32 -2.99
C ASN D 217 -34.56 -9.34 -2.49
N ARG D 218 -33.81 -9.94 -3.42
CA ARG D 218 -32.74 -10.90 -3.08
C ARG D 218 -31.42 -10.16 -3.19
N TRP D 219 -30.43 -10.58 -2.42
CA TRP D 219 -29.10 -9.97 -2.48
C TRP D 219 -28.24 -10.75 -3.46
N TYR D 220 -27.51 -10.03 -4.30
CA TYR D 220 -26.63 -10.62 -5.32
C TYR D 220 -25.18 -10.14 -5.16
N GLN D 221 -24.22 -11.04 -5.33
CA GLN D 221 -22.82 -10.62 -5.23
C GLN D 221 -22.33 -10.23 -6.62
N MET D 222 -22.17 -8.94 -6.84
CA MET D 222 -21.72 -8.41 -8.13
C MET D 222 -20.19 -8.32 -8.21
N GLY D 223 -19.53 -8.13 -7.08
CA GLY D 223 -18.08 -8.03 -7.10
C GLY D 223 -17.31 -8.69 -5.97
N ILE D 224 -15.99 -8.70 -6.12
CA ILE D 224 -15.07 -9.25 -5.12
C ILE D 224 -14.00 -8.18 -4.98
N VAL D 225 -13.70 -7.74 -3.75
CA VAL D 225 -12.66 -6.72 -3.57
C VAL D 225 -11.33 -7.25 -4.11
N SER D 226 -10.83 -6.59 -5.17
CA SER D 226 -9.56 -6.99 -5.80
C SER D 226 -8.37 -6.19 -5.27
N TRP D 227 -8.54 -4.88 -5.10
CA TRP D 227 -7.50 -4.02 -4.53
C TRP D 227 -8.04 -2.63 -4.24
N GLY D 228 -7.48 -1.98 -3.23
CA GLY D 228 -7.95 -0.65 -2.86
C GLY D 228 -6.82 0.37 -2.97
N GLU D 229 -7.12 1.53 -3.54
CA GLU D 229 -6.10 2.56 -3.68
C GLU D 229 -6.26 3.72 -2.71
N GLY D 230 -7.30 3.65 -1.87
CA GLY D 230 -7.55 4.69 -0.89
C GLY D 230 -7.13 4.24 0.49
N CYS D 231 -7.78 4.78 1.52
CA CYS D 231 -7.50 4.43 2.92
C CYS D 231 -6.06 4.77 3.34
N ASP D 232 -5.18 3.77 3.30
CA ASP D 232 -3.79 3.97 3.68
C ASP D 232 -2.88 4.44 2.55
N ARG D 233 -3.48 4.78 1.41
CA ARG D 233 -2.74 5.29 0.26
C ARG D 233 -3.47 6.52 -0.23
N ASP D 234 -2.80 7.35 -1.02
CA ASP D 234 -3.42 8.59 -1.49
C ASP D 234 -4.26 8.48 -2.75
N GLY D 235 -4.66 7.26 -3.09
CA GLY D 235 -5.47 7.03 -4.27
C GLY D 235 -6.94 7.38 -4.05
N LYS D 236 -7.79 6.98 -4.99
CA LYS D 236 -9.21 7.32 -4.92
C LYS D 236 -10.23 6.22 -4.68
N TYR D 237 -10.23 5.20 -5.55
CA TYR D 237 -11.24 4.15 -5.45
C TYR D 237 -10.78 2.73 -5.16
N GLY D 238 -11.76 1.85 -5.02
CA GLY D 238 -11.51 0.43 -4.81
C GLY D 238 -11.87 -0.23 -6.13
N PHE D 239 -11.20 -1.32 -6.47
CA PHE D 239 -11.46 -2.03 -7.71
C PHE D 239 -11.94 -3.45 -7.42
N TYR D 240 -12.91 -3.90 -8.19
CA TYR D 240 -13.54 -5.20 -7.98
C TYR D 240 -13.60 -6.15 -9.18
N THR D 241 -13.54 -7.44 -8.87
CA THR D 241 -13.65 -8.47 -9.89
C THR D 241 -15.13 -8.48 -10.31
N HIS D 242 -15.39 -8.48 -11.62
CA HIS D 242 -16.75 -8.49 -12.16
C HIS D 242 -17.23 -9.96 -12.10
N VAL D 243 -17.99 -10.31 -11.06
CA VAL D 243 -18.46 -11.69 -10.87
C VAL D 243 -19.26 -12.30 -12.03
N PHE D 244 -20.23 -11.56 -12.57
CA PHE D 244 -21.02 -12.11 -13.66
C PHE D 244 -20.16 -12.50 -14.85
N ARG D 245 -19.18 -11.66 -15.18
CA ARG D 245 -18.28 -11.93 -16.30
C ARG D 245 -17.53 -13.26 -16.19
N LEU D 246 -17.37 -13.74 -14.97
CA LEU D 246 -16.63 -15.00 -14.76
C LEU D 246 -17.52 -16.15 -14.29
N LYS D 247 -18.82 -15.94 -14.34
CA LYS D 247 -19.77 -16.96 -13.90
C LYS D 247 -19.66 -18.30 -14.63
N LYS D 248 -19.31 -18.27 -15.91
CA LYS D 248 -19.19 -19.51 -16.68
C LYS D 248 -18.14 -20.42 -16.05
N TRP D 249 -17.02 -19.84 -15.65
CA TRP D 249 -15.95 -20.61 -15.02
C TRP D 249 -16.42 -21.16 -13.68
N ILE D 250 -17.09 -20.33 -12.88
CA ILE D 250 -17.61 -20.74 -11.58
C ILE D 250 -18.49 -22.00 -11.75
N GLN D 251 -19.47 -21.91 -12.64
CA GLN D 251 -20.38 -23.02 -12.91
C GLN D 251 -19.66 -24.28 -13.40
N LYS D 252 -18.63 -24.09 -14.22
CA LYS D 252 -17.87 -25.22 -14.74
C LYS D 252 -17.19 -26.00 -13.61
N VAL D 253 -16.56 -25.25 -12.69
CA VAL D 253 -15.86 -25.86 -11.56
C VAL D 253 -16.80 -26.64 -10.65
N ILE D 254 -17.93 -26.04 -10.31
CA ILE D 254 -18.89 -26.69 -9.43
C ILE D 254 -19.59 -27.87 -10.11
N ASP D 255 -19.98 -27.71 -11.37
CA ASP D 255 -20.64 -28.79 -12.09
C ASP D 255 -19.71 -29.97 -12.26
N GLN D 256 -18.46 -29.70 -12.63
CA GLN D 256 -17.47 -30.74 -12.81
C GLN D 256 -16.84 -31.12 -11.47
C1 GOL E . 3.47 5.77 -7.10
C1 GOL E . 3.84 2.86 -6.52
O1 GOL E . 3.32 6.83 -6.13
O1 GOL E . 4.31 2.57 -5.18
C2 GOL E . 2.82 4.47 -6.54
C2 GOL E . 2.80 4.02 -6.46
O2 GOL E . 3.80 3.51 -6.15
O2 GOL E . 1.55 3.64 -7.02
C3 GOL E . 1.91 3.79 -7.57
C3 GOL E . 3.29 5.27 -7.23
O3 GOL E . 1.06 2.82 -6.98
O3 GOL E . 3.59 6.34 -6.36
C1 GOL F . 26.48 2.74 -10.89
O1 GOL F . 26.78 2.82 -12.31
C2 GOL F . 27.58 1.89 -10.16
O2 GOL F . 27.21 1.60 -8.83
C3 GOL F . 28.93 2.62 -10.11
O3 GOL F . 30.00 1.75 -9.82
C1 GOL G . 4.68 18.98 12.30
O1 GOL G . 4.89 17.70 11.65
C2 GOL G . 4.43 20.06 11.21
O2 GOL G . 5.18 21.24 11.45
C3 GOL G . 2.95 20.47 11.12
O3 GOL G . 2.66 21.22 9.96
C1 GOL H . 0.53 -6.47 -6.30
C1 GOL H . -1.98 -5.89 -6.12
O1 GOL H . 0.74 -5.09 -5.90
O1 GOL H . -2.52 -4.65 -5.59
C2 GOL H . -0.84 -7.00 -5.77
C2 GOL H . -0.76 -6.35 -5.25
O2 GOL H . -1.66 -5.97 -5.24
O2 GOL H . 0.47 -6.09 -5.91
C3 GOL H . -0.68 -8.05 -4.68
C3 GOL H . -0.81 -7.85 -4.93
O3 GOL H . -1.91 -8.53 -4.18
O3 GOL H . -1.82 -8.17 -4.00
C1 GOL I . -26.86 -30.18 7.40
O1 GOL I . -28.07 -29.56 6.89
C2 GOL I . -25.93 -30.56 6.22
O2 GOL I . -26.50 -31.56 5.39
C3 GOL I . -24.56 -31.09 6.68
O3 GOL I . -23.89 -30.20 7.56
C1 GOL J . -35.93 -20.31 13.22
O1 GOL J . -37.23 -20.15 13.85
C2 GOL J . -34.89 -20.73 14.30
O2 GOL J . -34.20 -19.62 14.83
C3 GOL J . -33.83 -21.69 13.74
O3 GOL J . -33.71 -22.87 14.51
C1 GOL K . -2.98 -8.93 1.19
O1 GOL K . -2.36 -9.67 0.10
C2 GOL K . -4.48 -8.70 0.87
O2 GOL K . -4.66 -7.91 -0.27
C3 GOL K . -5.19 -8.00 2.04
O3 GOL K . -6.28 -8.75 2.54
#